data_3Q0S
#
_entry.id   3Q0S
#
_cell.length_a   115.404
_cell.length_b   45.364
_cell.length_c   97.800
_cell.angle_alpha   90.00
_cell.angle_beta   125.26
_cell.angle_gamma   90.00
#
_symmetry.space_group_name_H-M   'C 1 2 1'
#
loop_
_entity.id
_entity.type
_entity.pdbx_description
1 polymer 'Pumilio homolog 2'
2 polymer "5'-R(UP*GP*UP*AP*CP*AP*UP*C)-3'"
3 water water
#
loop_
_entity_poly.entity_id
_entity_poly.type
_entity_poly.pdbx_seq_one_letter_code
_entity_poly.pdbx_strand_id
1 'polypeptide(L)'
;GRSRLLEDFRNNRFPNLQLRDLIGHIVEFSQDQHGSRFIQQKLERATPAERQMVFNEILQAAYQLMTDVFGNYVIQKFFE
FGSLDQKLALATRIRGHVLPLALQMYGCRVIQKALESISSDQQVISEMVKELDGHVLKCVKDQNGNHVVQKCIECVQPQS
LQFIIDAFKGQVFVLSTHPYGCRVIQRILEHCTAEQTLPILEELHQHTEQLVQDQYGNYVIQHVLEHGRPEDKSKIVSEI
RGKVLALSQHKFASNVVEKCVTHASRAERALLIDEVCCQNDGPHSALYTMMKDQYANYVVQKMIDMAEPAQRKIIMHKIR
PHITTLRKYTYGKHILAKLEKYYLKNSPDLG
;
A
2 'polyribonucleotide' UGUACAUC B
#
# COMPACT_ATOMS: atom_id res chain seq x y z
N GLY A 1 3.93 40.67 15.37
CA GLY A 1 3.65 39.25 15.20
C GLY A 1 4.87 38.47 14.76
N ARG A 2 6.04 38.90 15.22
CA ARG A 2 7.30 38.24 14.88
C ARG A 2 8.43 38.70 15.79
N SER A 3 8.81 37.85 16.73
CA SER A 3 9.88 38.17 17.66
C SER A 3 11.19 38.44 16.92
N ARG A 4 12.10 39.14 17.59
CA ARG A 4 13.39 39.48 17.00
C ARG A 4 14.25 38.23 16.80
N LEU A 5 14.10 37.26 17.69
CA LEU A 5 14.84 36.04 17.61
C LEU A 5 14.55 35.40 16.28
N LEU A 6 13.31 35.37 15.86
CA LEU A 6 12.96 34.70 14.58
C LEU A 6 13.56 35.45 13.38
N GLU A 7 13.47 36.77 13.37
CA GLU A 7 14.06 37.58 12.30
C GLU A 7 15.55 37.31 12.15
N ASP A 8 16.29 37.45 13.24
CA ASP A 8 17.74 37.24 13.22
C ASP A 8 18.08 35.82 12.80
N PHE A 9 17.29 34.86 13.26
CA PHE A 9 17.47 33.47 12.84
C PHE A 9 17.32 33.33 11.33
N ARG A 10 16.19 33.79 10.79
CA ARG A 10 15.95 33.67 9.35
C ARG A 10 16.99 34.47 8.57
N ASN A 11 17.53 35.51 9.17
CA ASN A 11 18.58 36.30 8.52
C ASN A 11 20.00 35.77 8.79
N ASN A 12 20.10 34.48 9.14
CA ASN A 12 21.37 33.81 9.36
C ASN A 12 22.34 34.49 10.35
N ARG A 13 21.79 35.04 11.42
CA ARG A 13 22.61 35.74 12.40
C ARG A 13 23.17 34.81 13.48
N PHE A 14 22.62 33.60 13.58
CA PHE A 14 23.01 32.67 14.62
C PHE A 14 23.53 31.35 14.06
N PRO A 15 24.78 31.35 13.58
CA PRO A 15 25.46 30.14 13.10
C PRO A 15 25.43 28.95 14.08
N ASN A 16 25.42 29.21 15.39
CA ASN A 16 25.40 28.12 16.34
C ASN A 16 24.19 28.13 17.29
N LEU A 17 23.04 28.53 16.77
CA LEU A 17 21.80 28.52 17.54
C LEU A 17 21.57 27.13 18.14
N GLN A 18 20.92 27.08 19.28
CA GLN A 18 20.67 25.80 19.94
C GLN A 18 19.25 25.77 20.47
N LEU A 19 18.79 24.57 20.80
CA LEU A 19 17.41 24.41 21.26
C LEU A 19 17.10 25.31 22.48
N ARG A 20 18.00 25.34 23.45
CA ARG A 20 17.78 26.14 24.67
C ARG A 20 17.70 27.64 24.41
N ASP A 21 18.19 28.09 23.26
CA ASP A 21 18.05 29.49 22.87
C ASP A 21 16.62 29.88 22.51
N LEU A 22 15.77 28.88 22.34
CA LEU A 22 14.41 29.12 21.81
C LEU A 22 13.37 29.21 22.92
N ILE A 23 13.82 29.32 24.16
CA ILE A 23 12.91 29.43 25.29
C ILE A 23 11.92 30.55 25.09
N GLY A 24 10.62 30.22 25.17
CA GLY A 24 9.57 31.21 24.96
C GLY A 24 9.17 31.41 23.49
N HIS A 25 9.94 30.85 22.58
CA HIS A 25 9.70 31.06 21.14
C HIS A 25 9.40 29.76 20.40
N ILE A 26 9.10 28.69 21.14
CA ILE A 26 8.93 27.36 20.54
C ILE A 26 7.75 27.29 19.56
N VAL A 27 6.58 27.76 19.97
CA VAL A 27 5.40 27.68 19.09
C VAL A 27 5.61 28.55 17.85
N GLU A 28 6.18 29.73 18.05
CA GLU A 28 6.52 30.60 16.93
C GLU A 28 7.44 29.91 15.92
N PHE A 29 8.56 29.37 16.38
CA PHE A 29 9.51 28.69 15.48
C PHE A 29 8.91 27.44 14.81
N SER A 30 8.02 26.75 15.52
CA SER A 30 7.43 25.51 15.04
C SER A 30 6.54 25.77 13.81
N GLN A 31 6.07 27.01 13.69
CA GLN A 31 5.22 27.42 12.56
C GLN A 31 6.01 28.03 11.40
N ASP A 32 7.32 28.19 11.60
CA ASP A 32 8.20 28.75 10.60
C ASP A 32 8.87 27.63 9.79
N GLN A 33 9.09 27.89 8.51
CA GLN A 33 9.63 26.88 7.60
C GLN A 33 10.99 26.36 8.08
N HIS A 34 11.89 27.30 8.40
CA HIS A 34 13.22 26.94 8.86
C HIS A 34 13.24 26.60 10.37
N GLY A 35 12.37 27.25 11.13
CA GLY A 35 12.32 27.01 12.57
C GLY A 35 11.86 25.61 12.93
N SER A 36 10.90 25.10 12.16
CA SER A 36 10.38 23.75 12.31
C SER A 36 11.45 22.71 12.04
N ARG A 37 12.16 22.86 10.92
CA ARG A 37 13.26 21.94 10.59
C ARG A 37 14.32 21.97 11.69
N PHE A 38 14.61 23.16 12.18
CA PHE A 38 15.62 23.36 13.20
C PHE A 38 15.25 22.60 14.47
N ILE A 39 14.02 22.81 14.92
CA ILE A 39 13.52 22.10 16.09
C ILE A 39 13.53 20.57 15.89
N GLN A 40 13.01 20.11 14.76
CA GLN A 40 13.01 18.68 14.47
C GLN A 40 14.40 18.08 14.63
N GLN A 41 15.39 18.73 14.04
CA GLN A 41 16.73 18.21 13.98
C GLN A 41 17.36 18.23 15.38
N LYS A 42 17.00 19.20 16.20
CA LYS A 42 17.54 19.34 17.55
C LYS A 42 16.86 18.43 18.59
N LEU A 43 15.63 18.01 18.32
CA LEU A 43 14.91 17.14 19.24
C LEU A 43 15.55 15.77 19.38
N GLU A 44 16.16 15.29 18.30
CA GLU A 44 16.77 13.97 18.28
C GLU A 44 17.85 13.82 19.34
N ARG A 45 18.63 14.88 19.54
CA ARG A 45 19.77 14.85 20.48
C ARG A 45 19.51 15.64 21.78
N ALA A 46 18.36 16.29 21.86
CA ALA A 46 18.00 17.07 23.04
C ALA A 46 18.08 16.22 24.30
N THR A 47 18.43 16.82 25.44
CA THR A 47 18.39 16.10 26.71
C THR A 47 16.92 15.99 27.14
N PRO A 48 16.63 15.05 28.04
CA PRO A 48 15.28 14.94 28.62
C PRO A 48 14.75 16.28 29.07
N ALA A 49 15.58 17.06 29.76
CA ALA A 49 15.15 18.36 30.23
C ALA A 49 14.86 19.33 29.08
N GLU A 50 15.73 19.36 28.08
CA GLU A 50 15.51 20.22 26.92
C GLU A 50 14.24 19.79 26.19
N ARG A 51 14.03 18.50 26.09
CA ARG A 51 12.86 17.99 25.38
C ARG A 51 11.59 18.36 26.13
N GLN A 52 11.66 18.28 27.45
CA GLN A 52 10.52 18.68 28.29
C GLN A 52 10.24 20.18 28.20
N MET A 53 11.29 20.97 28.13
CA MET A 53 11.15 22.42 27.95
C MET A 53 10.36 22.67 26.67
N VAL A 54 10.70 21.95 25.62
CA VAL A 54 10.01 22.09 24.33
C VAL A 54 8.57 21.63 24.43
N PHE A 55 8.37 20.43 24.98
CA PHE A 55 7.04 19.87 25.13
C PHE A 55 6.12 20.82 25.89
N ASN A 56 6.61 21.39 26.98
CA ASN A 56 5.75 22.28 27.75
C ASN A 56 5.15 23.41 26.90
N GLU A 57 5.90 23.91 25.93
CA GLU A 57 5.40 24.96 25.04
C GLU A 57 4.51 24.43 23.89
N ILE A 58 4.91 23.35 23.22
CA ILE A 58 4.03 22.80 22.19
C ILE A 58 2.69 22.36 22.79
N LEU A 59 2.69 21.97 24.06
CA LEU A 59 1.47 21.41 24.65
C LEU A 59 0.28 22.39 24.60
N GLN A 60 0.53 23.66 24.85
CA GLN A 60 -0.56 24.64 24.95
C GLN A 60 -1.05 25.12 23.60
N ALA A 61 -0.44 24.63 22.53
CA ALA A 61 -0.88 24.97 21.19
C ALA A 61 -0.97 23.69 20.34
N ALA A 62 -0.99 22.55 21.04
CA ALA A 62 -0.92 21.23 20.43
C ALA A 62 -1.85 21.04 19.25
N TYR A 63 -3.16 21.20 19.46
CA TYR A 63 -4.11 20.96 18.38
C TYR A 63 -3.81 21.86 17.18
N GLN A 64 -3.45 23.12 17.46
CA GLN A 64 -3.16 24.10 16.42
C GLN A 64 -1.96 23.68 15.59
N LEU A 65 -0.94 23.17 16.25
CA LEU A 65 0.29 22.77 15.57
C LEU A 65 0.07 21.48 14.77
N MET A 66 -0.88 20.66 15.21
CA MET A 66 -1.18 19.40 14.53
C MET A 66 -1.65 19.59 13.08
N THR A 67 -2.39 20.67 12.83
CA THR A 67 -2.89 20.96 11.50
C THR A 67 -2.12 22.09 10.82
N ASP A 68 -0.92 22.37 11.32
CA ASP A 68 -0.06 23.40 10.77
C ASP A 68 0.90 22.76 9.78
N VAL A 69 1.15 23.43 8.66
CA VAL A 69 1.92 22.87 7.55
C VAL A 69 3.36 22.53 7.97
N PHE A 70 3.90 23.27 8.94
CA PHE A 70 5.24 22.98 9.48
C PHE A 70 5.20 22.46 10.92
N GLY A 71 4.21 22.92 11.68
CA GLY A 71 4.10 22.58 13.07
C GLY A 71 3.83 21.11 13.27
N ASN A 72 3.22 20.47 12.27
CA ASN A 72 2.86 19.06 12.38
C ASN A 72 4.09 18.17 12.49
N TYR A 73 5.20 18.65 11.93
CA TYR A 73 6.44 17.89 12.00
C TYR A 73 7.01 17.88 13.40
N VAL A 74 6.80 18.98 14.13
CA VAL A 74 7.31 19.07 15.49
C VAL A 74 6.51 18.11 16.37
N ILE A 75 5.19 18.13 16.21
CA ILE A 75 4.34 17.20 16.96
C ILE A 75 4.75 15.74 16.72
N GLN A 76 4.99 15.38 15.45
CA GLN A 76 5.41 14.01 15.13
C GLN A 76 6.76 13.66 15.75
N LYS A 77 7.72 14.58 15.69
CA LYS A 77 9.03 14.36 16.33
C LYS A 77 8.88 13.91 17.77
N PHE A 78 7.89 14.45 18.46
CA PHE A 78 7.66 14.06 19.85
C PHE A 78 7.11 12.66 19.98
N PHE A 79 6.29 12.23 19.04
CA PHE A 79 5.85 10.84 19.05
C PHE A 79 7.03 9.89 18.82
N GLU A 80 8.06 10.39 18.17
CA GLU A 80 9.24 9.60 17.85
C GLU A 80 10.25 9.55 19.00
N PHE A 81 10.45 10.69 19.65
CA PHE A 81 11.49 10.83 20.67
C PHE A 81 10.97 11.24 22.05
N GLY A 82 9.66 11.45 22.16
CA GLY A 82 9.07 11.85 23.43
C GLY A 82 8.97 10.71 24.42
N SER A 83 8.78 11.04 25.70
CA SER A 83 8.53 10.05 26.75
C SER A 83 7.13 9.48 26.58
N LEU A 84 6.84 8.37 27.24
CA LEU A 84 5.53 7.76 27.10
C LEU A 84 4.47 8.73 27.58
N ASP A 85 4.81 9.49 28.61
CA ASP A 85 3.88 10.45 29.20
C ASP A 85 3.60 11.63 28.29
N GLN A 86 4.62 12.09 27.57
CA GLN A 86 4.46 13.21 26.65
C GLN A 86 3.63 12.73 25.46
N LYS A 87 3.81 11.47 25.07
CA LYS A 87 3.07 10.94 23.92
C LYS A 87 1.60 10.75 24.25
N LEU A 88 1.32 10.23 25.45
CA LEU A 88 -0.05 10.08 25.91
C LEU A 88 -0.76 11.43 26.06
N ALA A 89 -0.01 12.46 26.46
CA ALA A 89 -0.56 13.81 26.59
C ALA A 89 -0.95 14.40 25.22
N LEU A 90 -0.10 14.20 24.23
CA LEU A 90 -0.42 14.67 22.87
C LEU A 90 -1.61 13.91 22.31
N ALA A 91 -1.57 12.58 22.42
CA ALA A 91 -2.68 11.75 21.95
C ALA A 91 -4.02 12.20 22.53
N THR A 92 -4.00 12.57 23.81
CA THR A 92 -5.20 13.06 24.49
C THR A 92 -5.77 14.33 23.85
N ARG A 93 -4.92 15.11 23.19
CA ARG A 93 -5.37 16.29 22.45
C ARG A 93 -5.94 15.89 21.08
N ILE A 94 -5.58 14.69 20.61
CA ILE A 94 -6.12 14.15 19.37
C ILE A 94 -7.52 13.60 19.66
N ARG A 95 -7.65 12.87 20.77
CA ARG A 95 -8.90 12.24 21.13
C ARG A 95 -10.06 13.25 21.17
N GLY A 96 -11.19 12.88 20.57
CA GLY A 96 -12.31 13.80 20.45
C GLY A 96 -12.34 14.47 19.10
N HIS A 97 -11.19 14.47 18.42
CA HIS A 97 -11.07 15.11 17.12
C HIS A 97 -10.51 14.19 16.03
N VAL A 98 -10.54 12.87 16.25
CA VAL A 98 -9.92 11.94 15.30
C VAL A 98 -10.44 12.12 13.86
N LEU A 99 -11.76 12.14 13.70
CA LEU A 99 -12.35 12.25 12.36
C LEU A 99 -11.87 13.48 11.57
N PRO A 100 -12.13 14.71 12.07
CA PRO A 100 -11.68 15.93 11.37
C PRO A 100 -10.18 15.88 11.07
N LEU A 101 -9.39 15.48 12.05
CA LEU A 101 -7.95 15.36 11.89
C LEU A 101 -7.58 14.31 10.82
N ALA A 102 -8.28 13.18 10.84
CA ALA A 102 -8.03 12.12 9.86
C ALA A 102 -8.22 12.64 8.44
N LEU A 103 -9.15 13.59 8.30
CA LEU A 103 -9.52 14.09 6.98
C LEU A 103 -8.68 15.30 6.58
N GLN A 104 -7.73 15.66 7.43
CA GLN A 104 -6.96 16.90 7.25
C GLN A 104 -5.56 16.56 6.75
N MET A 105 -5.03 17.35 5.82
CA MET A 105 -3.74 17.04 5.19
C MET A 105 -2.59 16.78 6.18
N TYR A 106 -2.46 17.62 7.18
CA TYR A 106 -1.37 17.48 8.15
C TYR A 106 -1.79 16.70 9.39
N GLY A 107 -3.06 16.86 9.78
CA GLY A 107 -3.59 16.12 10.91
C GLY A 107 -3.48 14.62 10.72
N CYS A 108 -3.65 14.15 9.49
CA CYS A 108 -3.66 12.71 9.24
C CYS A 108 -2.28 12.09 9.48
N ARG A 109 -1.23 12.89 9.25
CA ARG A 109 0.15 12.49 9.52
C ARG A 109 0.41 12.35 11.03
N VAL A 110 -0.21 13.22 11.82
CA VAL A 110 -0.10 13.17 13.27
C VAL A 110 -0.79 11.92 13.83
N ILE A 111 -2.00 11.66 13.37
CA ILE A 111 -2.73 10.48 13.82
C ILE A 111 -1.96 9.20 13.49
N GLN A 112 -1.43 9.15 12.26
CA GLN A 112 -0.62 8.01 11.82
C GLN A 112 0.62 7.83 12.70
N LYS A 113 1.30 8.91 13.02
CA LYS A 113 2.48 8.84 13.87
C LYS A 113 2.13 8.33 15.27
N ALA A 114 1.00 8.78 15.80
CA ALA A 114 0.54 8.32 17.12
C ALA A 114 0.26 6.82 17.14
N LEU A 115 -0.37 6.33 16.07
CA LEU A 115 -0.68 4.90 15.94
C LEU A 115 0.57 4.03 15.91
N GLU A 116 1.64 4.51 15.30
CA GLU A 116 2.87 3.73 15.29
C GLU A 116 3.75 3.98 16.52
N SER A 117 3.35 4.90 17.38
CA SER A 117 4.16 5.33 18.51
C SER A 117 3.65 4.87 19.87
N ILE A 118 2.35 4.66 19.98
CA ILE A 118 1.74 4.25 21.24
C ILE A 118 1.04 2.90 21.09
N SER A 119 1.31 1.96 22.00
CA SER A 119 0.67 0.64 21.89
C SER A 119 -0.85 0.76 21.89
N SER A 120 -1.51 -0.04 21.05
CA SER A 120 -2.98 0.00 20.97
C SER A 120 -3.63 -0.51 22.25
N ASP A 121 -2.81 -1.01 23.17
CA ASP A 121 -3.25 -1.42 24.50
C ASP A 121 -3.73 -0.24 25.35
N GLN A 122 -3.27 0.95 25.01
CA GLN A 122 -3.64 2.16 25.74
C GLN A 122 -5.08 2.56 25.45
N GLN A 123 -5.70 3.27 26.39
CA GLN A 123 -7.07 3.72 26.23
C GLN A 123 -7.18 4.81 25.18
N VAL A 124 -6.20 5.72 25.17
CA VAL A 124 -6.18 6.81 24.20
C VAL A 124 -6.30 6.29 22.78
N ILE A 125 -5.38 5.42 22.39
CA ILE A 125 -5.40 4.84 21.05
C ILE A 125 -6.67 4.01 20.82
N SER A 126 -7.08 3.28 21.86
CA SER A 126 -8.27 2.45 21.78
C SER A 126 -9.51 3.30 21.50
N GLU A 127 -9.64 4.41 22.23
CA GLU A 127 -10.77 5.31 22.05
C GLU A 127 -10.64 6.17 20.80
N MET A 128 -9.39 6.46 20.40
CA MET A 128 -9.14 7.14 19.14
C MET A 128 -9.66 6.30 17.97
N VAL A 129 -9.22 5.05 17.89
CA VAL A 129 -9.65 4.13 16.85
C VAL A 129 -11.17 4.05 16.75
N LYS A 130 -11.85 4.05 17.89
CA LYS A 130 -13.30 3.88 17.91
C LYS A 130 -14.05 5.10 17.39
N GLU A 131 -13.41 6.27 17.39
CA GLU A 131 -14.03 7.46 16.83
C GLU A 131 -14.28 7.31 15.32
N LEU A 132 -13.57 6.37 14.68
CA LEU A 132 -13.74 6.16 13.24
C LEU A 132 -14.97 5.32 12.92
N ASP A 133 -15.51 4.65 13.92
CA ASP A 133 -16.70 3.82 13.71
C ASP A 133 -17.87 4.71 13.33
N GLY A 134 -18.44 4.45 12.14
CA GLY A 134 -19.54 5.25 11.65
C GLY A 134 -19.09 6.16 10.51
N HIS A 135 -17.80 6.15 10.24
CA HIS A 135 -17.22 6.98 9.19
C HIS A 135 -16.12 6.23 8.42
N VAL A 136 -16.14 4.91 8.45
CA VAL A 136 -15.04 4.13 7.85
C VAL A 136 -14.91 4.37 6.34
N LEU A 137 -16.01 4.21 5.61
CA LEU A 137 -15.96 4.38 4.15
C LEU A 137 -15.67 5.83 3.77
N LYS A 138 -16.19 6.79 4.53
CA LYS A 138 -15.84 8.20 4.25
C LYS A 138 -14.32 8.42 4.30
N CYS A 139 -13.67 7.83 5.29
CA CYS A 139 -12.22 7.96 5.41
C CYS A 139 -11.46 7.17 4.34
N VAL A 140 -11.90 5.95 4.06
CA VAL A 140 -11.29 5.15 3.01
C VAL A 140 -11.25 5.91 1.67
N LYS A 141 -12.35 6.58 1.34
CA LYS A 141 -12.46 7.34 0.10
C LYS A 141 -11.79 8.73 0.12
N ASP A 142 -11.24 9.14 1.26
CA ASP A 142 -10.62 10.47 1.37
C ASP A 142 -9.12 10.41 1.10
N GLN A 143 -8.56 11.43 0.43
CA GLN A 143 -7.14 11.37 0.09
C GLN A 143 -6.22 11.36 1.33
N ASN A 144 -6.71 11.88 2.43
CA ASN A 144 -5.94 11.89 3.68
C ASN A 144 -6.38 10.77 4.59
N GLY A 145 -7.69 10.66 4.78
CA GLY A 145 -8.28 9.63 5.61
C GLY A 145 -7.86 8.21 5.30
N ASN A 146 -7.67 7.86 4.03
CA ASN A 146 -7.40 6.46 3.69
C ASN A 146 -6.12 5.94 4.32
N HIS A 147 -5.15 6.84 4.44
CA HIS A 147 -3.87 6.53 5.08
C HIS A 147 -3.97 6.30 6.58
N VAL A 148 -4.87 7.01 7.24
CA VAL A 148 -5.18 6.73 8.63
C VAL A 148 -5.84 5.36 8.79
N VAL A 149 -6.75 5.02 7.90
CA VAL A 149 -7.38 3.70 7.98
C VAL A 149 -6.37 2.58 7.73
N GLN A 150 -5.51 2.75 6.73
CA GLN A 150 -4.41 1.81 6.50
C GLN A 150 -3.54 1.66 7.77
N LYS A 151 -3.22 2.78 8.40
CA LYS A 151 -2.42 2.79 9.62
C LYS A 151 -3.06 2.03 10.79
N CYS A 152 -4.36 2.23 11.01
CA CYS A 152 -5.05 1.48 12.06
C CYS A 152 -4.90 0.00 11.84
N ILE A 153 -5.14 -0.43 10.60
CA ILE A 153 -5.07 -1.84 10.24
C ILE A 153 -3.68 -2.43 10.45
N GLU A 154 -2.66 -1.68 10.06
CA GLU A 154 -1.28 -2.15 10.22
C GLU A 154 -0.82 -2.16 11.67
N CYS A 155 -1.42 -1.31 12.50
CA CYS A 155 -0.87 -1.01 13.84
C CYS A 155 -1.68 -1.51 15.04
N VAL A 156 -2.99 -1.61 14.89
CA VAL A 156 -3.88 -1.84 16.02
C VAL A 156 -4.25 -3.32 16.14
N GLN A 157 -4.55 -3.79 17.35
CA GLN A 157 -4.95 -5.19 17.50
C GLN A 157 -6.16 -5.52 16.61
N PRO A 158 -6.00 -6.52 15.72
CA PRO A 158 -6.97 -6.82 14.67
C PRO A 158 -8.38 -7.04 15.22
N GLN A 159 -8.48 -7.65 16.39
CA GLN A 159 -9.78 -7.94 16.98
C GLN A 159 -10.62 -6.67 17.14
N SER A 160 -9.96 -5.57 17.47
CA SER A 160 -10.66 -4.30 17.66
C SER A 160 -11.03 -3.64 16.31
N LEU A 161 -10.64 -4.26 15.20
CA LEU A 161 -10.90 -3.68 13.88
C LEU A 161 -12.10 -4.28 13.17
N GLN A 162 -12.94 -4.98 13.92
CA GLN A 162 -14.11 -5.62 13.34
C GLN A 162 -15.07 -4.61 12.73
N PHE A 163 -15.14 -3.40 13.27
CA PHE A 163 -16.03 -2.39 12.69
C PHE A 163 -15.56 -1.94 11.31
N ILE A 164 -14.27 -2.07 11.02
CA ILE A 164 -13.78 -1.76 9.69
C ILE A 164 -14.15 -2.88 8.71
N ILE A 165 -13.93 -4.12 9.12
CA ILE A 165 -14.34 -5.27 8.32
C ILE A 165 -15.84 -5.20 8.01
N ASP A 166 -16.63 -4.84 9.02
CA ASP A 166 -18.08 -4.75 8.88
C ASP A 166 -18.50 -3.70 7.86
N ALA A 167 -17.81 -2.56 7.86
CA ALA A 167 -18.18 -1.47 6.97
C ALA A 167 -17.95 -1.80 5.49
N PHE A 168 -17.09 -2.79 5.20
CA PHE A 168 -16.82 -3.19 3.81
C PHE A 168 -17.82 -4.23 3.30
N LYS A 169 -18.69 -4.69 4.18
CA LYS A 169 -19.68 -5.70 3.80
C LYS A 169 -20.45 -5.27 2.55
N GLY A 170 -20.32 -6.08 1.50
CA GLY A 170 -21.11 -5.90 0.29
C GLY A 170 -20.42 -4.99 -0.71
N GLN A 171 -19.31 -4.40 -0.30
CA GLN A 171 -18.65 -3.42 -1.15
C GLN A 171 -17.16 -3.68 -1.36
N VAL A 172 -16.74 -4.93 -1.16
CA VAL A 172 -15.33 -5.27 -1.37
C VAL A 172 -14.95 -5.13 -2.84
N PHE A 173 -15.79 -5.63 -3.73
CA PHE A 173 -15.46 -5.52 -5.14
C PHE A 173 -15.33 -4.06 -5.58
N VAL A 174 -16.38 -3.29 -5.32
CA VAL A 174 -16.40 -1.89 -5.75
C VAL A 174 -15.20 -1.12 -5.25
N LEU A 175 -14.88 -1.26 -3.97
CA LEU A 175 -13.78 -0.53 -3.37
C LEU A 175 -12.41 -1.05 -3.79
N SER A 176 -12.34 -2.30 -4.22
CA SER A 176 -11.11 -2.87 -4.77
C SER A 176 -10.76 -2.24 -6.11
N THR A 177 -11.75 -1.61 -6.75
CA THR A 177 -11.49 -0.90 -8.01
C THR A 177 -11.32 0.59 -7.75
N HIS A 178 -11.32 0.97 -6.47
CA HIS A 178 -11.16 2.37 -6.06
C HIS A 178 -9.67 2.64 -5.76
N PRO A 179 -9.16 3.80 -6.16
CA PRO A 179 -7.74 4.13 -6.02
C PRO A 179 -7.21 3.95 -4.57
N TYR A 180 -8.03 4.30 -3.58
CA TYR A 180 -7.61 4.20 -2.17
C TYR A 180 -8.15 2.92 -1.54
N GLY A 181 -9.39 2.57 -1.88
CA GLY A 181 -10.01 1.37 -1.34
C GLY A 181 -9.16 0.12 -1.58
N CYS A 182 -8.57 0.01 -2.76
CA CYS A 182 -7.71 -1.15 -3.02
C CYS A 182 -6.54 -1.27 -2.03
N ARG A 183 -5.97 -0.15 -1.59
CA ARG A 183 -4.89 -0.17 -0.61
C ARG A 183 -5.39 -0.69 0.74
N VAL A 184 -6.51 -0.15 1.20
CA VAL A 184 -7.07 -0.57 2.48
C VAL A 184 -7.40 -2.07 2.48
N ILE A 185 -7.94 -2.56 1.37
CA ILE A 185 -8.26 -3.98 1.25
C ILE A 185 -7.00 -4.84 1.39
N GLN A 186 -5.91 -4.42 0.77
CA GLN A 186 -4.68 -5.18 0.84
C GLN A 186 -4.18 -5.18 2.30
N ARG A 187 -4.27 -4.04 2.98
CA ARG A 187 -3.85 -4.00 4.40
C ARG A 187 -4.64 -5.00 5.21
N ILE A 188 -5.95 -5.06 4.95
CA ILE A 188 -6.83 -6.02 5.61
C ILE A 188 -6.35 -7.45 5.38
N LEU A 189 -6.04 -7.77 4.14
CA LEU A 189 -5.58 -9.12 3.81
C LEU A 189 -4.29 -9.46 4.55
N GLU A 190 -3.46 -8.45 4.79
CA GLU A 190 -2.17 -8.63 5.48
C GLU A 190 -2.26 -8.77 7.00
N HIS A 191 -3.15 -8.00 7.62
CA HIS A 191 -3.09 -7.82 9.07
C HIS A 191 -4.25 -8.38 9.86
N CYS A 192 -5.38 -8.60 9.20
CA CYS A 192 -6.57 -9.11 9.91
C CYS A 192 -6.52 -10.61 10.12
N THR A 193 -7.45 -11.11 10.92
CA THR A 193 -7.44 -12.51 11.29
C THR A 193 -8.18 -13.33 10.24
N ALA A 194 -8.07 -14.64 10.33
CA ALA A 194 -8.70 -15.54 9.37
C ALA A 194 -10.21 -15.36 9.32
N GLU A 195 -10.83 -15.18 10.48
CA GLU A 195 -12.27 -14.98 10.55
C GLU A 195 -12.68 -13.67 9.90
N GLN A 196 -11.84 -12.65 10.03
CA GLN A 196 -12.13 -11.35 9.47
C GLN A 196 -11.98 -11.30 7.95
N THR A 197 -10.94 -11.94 7.42
CA THR A 197 -10.63 -11.85 6.00
C THR A 197 -11.51 -12.80 5.19
N LEU A 198 -12.18 -13.71 5.88
CA LEU A 198 -13.03 -14.70 5.22
C LEU A 198 -14.11 -14.04 4.32
N PRO A 199 -14.98 -13.18 4.89
CA PRO A 199 -16.00 -12.53 4.06
C PRO A 199 -15.40 -11.60 3.00
N ILE A 200 -14.26 -10.97 3.30
CA ILE A 200 -13.57 -10.13 2.33
C ILE A 200 -13.15 -10.95 1.10
N LEU A 201 -12.51 -12.08 1.32
CA LEU A 201 -12.06 -12.93 0.23
C LEU A 201 -13.23 -13.53 -0.55
N GLU A 202 -14.34 -13.83 0.14
CA GLU A 202 -15.52 -14.35 -0.53
C GLU A 202 -16.06 -13.36 -1.57
N GLU A 203 -16.13 -12.08 -1.21
CA GLU A 203 -16.57 -11.06 -2.16
C GLU A 203 -15.59 -10.91 -3.32
N LEU A 204 -14.30 -10.98 -3.05
CA LEU A 204 -13.31 -10.87 -4.13
C LEU A 204 -13.53 -11.99 -5.16
N HIS A 205 -13.74 -13.22 -4.69
CA HIS A 205 -13.86 -14.37 -5.58
C HIS A 205 -15.13 -14.32 -6.43
N GLN A 206 -16.10 -13.51 -6.01
CA GLN A 206 -17.34 -13.39 -6.74
C GLN A 206 -17.21 -12.45 -7.94
N HIS A 207 -16.09 -11.76 -8.06
CA HIS A 207 -15.90 -10.78 -9.14
C HIS A 207 -14.52 -10.82 -9.77
N THR A 208 -13.87 -11.98 -9.73
CA THR A 208 -12.49 -12.12 -10.19
C THR A 208 -12.23 -11.61 -11.62
N GLU A 209 -13.11 -11.98 -12.56
CA GLU A 209 -12.94 -11.55 -13.95
C GLU A 209 -12.90 -10.03 -14.11
N GLN A 210 -13.83 -9.34 -13.47
CA GLN A 210 -13.84 -7.87 -13.51
C GLN A 210 -12.61 -7.29 -12.80
N LEU A 211 -12.24 -7.90 -11.67
CA LEU A 211 -11.10 -7.39 -10.89
C LEU A 211 -9.75 -7.48 -11.61
N VAL A 212 -9.48 -8.61 -12.24
CA VAL A 212 -8.18 -8.81 -12.89
C VAL A 212 -7.96 -7.85 -14.06
N GLN A 213 -9.07 -7.37 -14.64
CA GLN A 213 -9.01 -6.42 -15.75
C GLN A 213 -9.11 -4.94 -15.28
N ASP A 214 -9.25 -4.72 -13.97
CA ASP A 214 -9.37 -3.35 -13.46
C ASP A 214 -8.00 -2.78 -13.11
N GLN A 215 -7.84 -1.46 -13.24
CA GLN A 215 -6.55 -0.79 -13.04
C GLN A 215 -6.05 -0.85 -11.59
N TYR A 216 -6.97 -1.01 -10.65
CA TYR A 216 -6.62 -1.15 -9.25
C TYR A 216 -6.87 -2.56 -8.76
N GLY A 217 -8.01 -3.10 -9.14
CA GLY A 217 -8.41 -4.44 -8.76
C GLY A 217 -7.38 -5.51 -9.09
N ASN A 218 -6.58 -5.32 -10.14
CA ASN A 218 -5.63 -6.36 -10.49
C ASN A 218 -4.54 -6.52 -9.43
N TYR A 219 -4.24 -5.42 -8.73
CA TYR A 219 -3.29 -5.45 -7.63
C TYR A 219 -3.85 -6.23 -6.45
N VAL A 220 -5.15 -6.14 -6.21
CA VAL A 220 -5.75 -6.85 -5.10
C VAL A 220 -5.68 -8.37 -5.35
N ILE A 221 -5.92 -8.76 -6.60
CA ILE A 221 -5.86 -10.18 -6.95
C ILE A 221 -4.45 -10.74 -6.91
N GLN A 222 -3.48 -9.96 -7.38
CA GLN A 222 -2.08 -10.39 -7.33
C GLN A 222 -1.60 -10.54 -5.89
N HIS A 223 -2.12 -9.70 -5.01
CA HIS A 223 -1.77 -9.74 -3.60
C HIS A 223 -2.13 -11.12 -3.07
N VAL A 224 -3.36 -11.55 -3.36
CA VAL A 224 -3.83 -12.86 -2.93
C VAL A 224 -2.95 -13.96 -3.52
N LEU A 225 -2.57 -13.79 -4.79
CA LEU A 225 -1.70 -14.76 -5.44
C LEU A 225 -0.31 -14.78 -4.79
N GLU A 226 0.16 -13.62 -4.36
CA GLU A 226 1.51 -13.52 -3.81
C GLU A 226 1.59 -13.89 -2.33
N HIS A 227 0.55 -13.57 -1.58
CA HIS A 227 0.60 -13.62 -0.12
C HIS A 227 -0.51 -14.46 0.49
N GLY A 228 -1.46 -14.90 -0.31
CA GLY A 228 -2.64 -15.55 0.24
C GLY A 228 -2.53 -17.04 0.55
N ARG A 229 -3.65 -17.64 0.94
CA ARG A 229 -3.70 -19.08 1.21
C ARG A 229 -3.84 -19.87 -0.09
N PRO A 230 -3.39 -21.14 -0.09
CA PRO A 230 -3.54 -21.98 -1.29
C PRO A 230 -4.99 -22.15 -1.74
N GLU A 231 -5.92 -22.24 -0.80
CA GLU A 231 -7.32 -22.39 -1.18
C GLU A 231 -7.87 -21.14 -1.89
N ASP A 232 -7.27 -19.99 -1.63
CA ASP A 232 -7.70 -18.77 -2.31
C ASP A 232 -7.02 -18.60 -3.67
N LYS A 233 -5.76 -19.01 -3.78
CA LYS A 233 -5.08 -18.95 -5.06
C LYS A 233 -5.76 -19.92 -6.04
N SER A 234 -6.25 -21.04 -5.51
CA SER A 234 -6.92 -22.03 -6.33
C SER A 234 -8.24 -21.51 -6.90
N LYS A 235 -8.97 -20.74 -6.11
CA LYS A 235 -10.21 -20.13 -6.60
C LYS A 235 -9.91 -19.16 -7.74
N ILE A 236 -8.95 -18.27 -7.52
CA ILE A 236 -8.50 -17.35 -8.56
C ILE A 236 -8.10 -18.11 -9.84
N VAL A 237 -7.31 -19.16 -9.67
CA VAL A 237 -6.87 -19.96 -10.81
C VAL A 237 -8.04 -20.54 -11.59
N SER A 238 -9.04 -21.06 -10.88
CA SER A 238 -10.23 -21.61 -11.52
C SER A 238 -10.91 -20.60 -12.45
N GLU A 239 -10.89 -19.32 -12.06
CA GLU A 239 -11.51 -18.27 -12.86
C GLU A 239 -10.63 -17.81 -14.02
N ILE A 240 -9.34 -18.11 -13.96
CA ILE A 240 -8.42 -17.73 -15.03
C ILE A 240 -8.40 -18.82 -16.11
N ARG A 241 -8.70 -20.05 -15.72
CA ARG A 241 -8.73 -21.18 -16.63
C ARG A 241 -9.82 -21.01 -17.69
N GLY A 242 -9.45 -21.25 -18.94
CA GLY A 242 -10.35 -21.05 -20.06
C GLY A 242 -10.26 -19.61 -20.56
N LYS A 243 -9.46 -18.81 -19.88
CA LYS A 243 -9.30 -17.40 -20.24
C LYS A 243 -7.85 -16.93 -20.46
N VAL A 244 -6.90 -17.86 -20.43
CA VAL A 244 -5.48 -17.47 -20.45
C VAL A 244 -5.10 -16.60 -21.66
N LEU A 245 -5.37 -17.12 -22.85
CA LEU A 245 -5.07 -16.39 -24.10
C LEU A 245 -5.70 -14.99 -24.14
N ALA A 246 -6.99 -14.91 -23.80
CA ALA A 246 -7.67 -13.61 -23.73
C ALA A 246 -7.05 -12.66 -22.70
N LEU A 247 -7.02 -13.08 -21.44
CA LEU A 247 -6.53 -12.21 -20.38
C LEU A 247 -5.04 -11.86 -20.54
N SER A 248 -4.30 -12.70 -21.25
CA SER A 248 -2.88 -12.49 -21.49
C SER A 248 -2.61 -11.24 -22.33
N GLN A 249 -3.58 -10.85 -23.16
CA GLN A 249 -3.41 -9.73 -24.05
C GLN A 249 -3.90 -8.41 -23.45
N HIS A 250 -4.35 -8.46 -22.21
CA HIS A 250 -4.91 -7.28 -21.54
C HIS A 250 -3.86 -6.55 -20.71
N LYS A 251 -3.82 -5.22 -20.81
CA LYS A 251 -2.86 -4.41 -20.06
C LYS A 251 -2.75 -4.79 -18.58
N PHE A 252 -3.88 -4.88 -17.89
CA PHE A 252 -3.86 -5.13 -16.46
C PHE A 252 -3.85 -6.62 -16.11
N ALA A 253 -4.74 -7.36 -16.74
CA ALA A 253 -4.92 -8.79 -16.45
C ALA A 253 -3.68 -9.60 -16.78
N SER A 254 -2.89 -9.15 -17.76
CA SER A 254 -1.67 -9.89 -18.11
C SER A 254 -0.73 -10.08 -16.92
N ASN A 255 -0.73 -9.12 -15.99
CA ASN A 255 0.08 -9.25 -14.78
C ASN A 255 -0.49 -10.31 -13.85
N VAL A 256 -1.82 -10.40 -13.82
CA VAL A 256 -2.46 -11.45 -13.01
C VAL A 256 -2.18 -12.86 -13.56
N VAL A 257 -2.22 -13.03 -14.88
CA VAL A 257 -1.92 -14.34 -15.42
C VAL A 257 -0.46 -14.73 -15.12
N GLU A 258 0.45 -13.76 -15.19
CA GLU A 258 1.85 -14.05 -14.86
C GLU A 258 1.94 -14.60 -13.44
N LYS A 259 1.22 -13.97 -12.53
CA LYS A 259 1.21 -14.38 -11.11
C LYS A 259 0.58 -15.75 -10.89
N CYS A 260 -0.42 -16.12 -11.69
CA CYS A 260 -0.99 -17.46 -11.58
C CYS A 260 0.05 -18.49 -11.98
N VAL A 261 0.79 -18.21 -13.05
CA VAL A 261 1.81 -19.13 -13.52
C VAL A 261 2.89 -19.29 -12.46
N THR A 262 3.25 -18.18 -11.83
CA THR A 262 4.33 -18.19 -10.85
C THR A 262 3.93 -18.82 -9.52
N HIS A 263 2.73 -18.53 -9.02
CA HIS A 263 2.34 -18.96 -7.68
C HIS A 263 1.25 -20.05 -7.63
N ALA A 264 0.96 -20.68 -8.77
CA ALA A 264 0.04 -21.81 -8.79
C ALA A 264 0.80 -23.11 -8.60
N SER A 265 0.08 -24.17 -8.23
CA SER A 265 0.70 -25.46 -8.01
C SER A 265 1.26 -26.00 -9.32
N ARG A 266 1.91 -27.15 -9.26
CA ARG A 266 2.44 -27.79 -10.46
C ARG A 266 1.31 -28.14 -11.43
N ALA A 267 0.28 -28.80 -10.91
CA ALA A 267 -0.84 -29.24 -11.73
C ALA A 267 -1.70 -28.08 -12.25
N GLU A 268 -1.67 -26.97 -11.52
CA GLU A 268 -2.39 -25.76 -11.95
C GLU A 268 -1.59 -24.96 -12.98
N ARG A 269 -0.29 -24.81 -12.75
CA ARG A 269 0.58 -24.10 -13.67
C ARG A 269 0.64 -24.78 -15.04
N ALA A 270 0.61 -26.11 -15.05
CA ALA A 270 0.63 -26.87 -16.30
C ALA A 270 -0.71 -26.81 -17.02
N LEU A 271 -1.80 -26.81 -16.26
CA LEU A 271 -3.15 -26.71 -16.85
C LEU A 271 -3.39 -25.35 -17.49
N LEU A 272 -2.68 -24.33 -17.00
CA LEU A 272 -2.76 -22.99 -17.57
C LEU A 272 -1.87 -22.86 -18.81
N ILE A 273 -0.68 -23.44 -18.74
CA ILE A 273 0.22 -23.44 -19.89
C ILE A 273 -0.28 -24.35 -21.01
N ASP A 274 -0.87 -25.49 -20.64
CA ASP A 274 -1.42 -26.43 -21.61
C ASP A 274 -2.54 -25.76 -22.41
N GLU A 275 -3.26 -24.86 -21.74
CA GLU A 275 -4.35 -24.15 -22.37
C GLU A 275 -3.87 -23.40 -23.61
N VAL A 276 -2.60 -22.99 -23.60
CA VAL A 276 -2.04 -22.23 -24.71
C VAL A 276 -0.88 -22.96 -25.39
N CYS A 277 -0.41 -24.04 -24.76
CA CYS A 277 0.72 -24.81 -25.25
C CYS A 277 0.31 -25.92 -26.21
N CYS A 278 -0.61 -26.77 -25.75
CA CYS A 278 -1.08 -27.88 -26.57
C CYS A 278 -2.56 -27.73 -26.89
N GLN A 279 -2.99 -26.50 -27.12
CA GLN A 279 -4.38 -26.22 -27.47
C GLN A 279 -4.27 -25.60 -28.86
N ASN A 280 -5.34 -24.94 -29.29
CA ASN A 280 -5.36 -24.32 -30.61
C ASN A 280 -6.60 -23.48 -30.90
N ASP A 281 -6.47 -22.56 -31.87
CA ASP A 281 -7.40 -21.46 -32.09
C ASP A 281 -7.33 -20.95 -33.52
N GLY A 282 -7.41 -21.86 -34.47
CA GLY A 282 -7.38 -21.51 -35.88
C GLY A 282 -6.14 -22.00 -36.59
N PRO A 283 -5.64 -21.21 -37.54
CA PRO A 283 -4.44 -21.58 -38.31
C PRO A 283 -3.19 -21.89 -37.51
N HIS A 284 -2.73 -20.90 -36.72
CA HIS A 284 -1.60 -21.10 -35.83
C HIS A 284 -2.07 -21.53 -34.42
N SER A 285 -1.14 -21.54 -33.48
CA SER A 285 -1.45 -21.88 -32.10
C SER A 285 -1.53 -20.63 -31.22
N ALA A 286 -2.09 -20.79 -30.03
CA ALA A 286 -2.23 -19.68 -29.10
C ALA A 286 -0.91 -18.95 -28.86
N LEU A 287 0.19 -19.70 -28.87
CA LEU A 287 1.51 -19.11 -28.68
C LEU A 287 1.86 -18.10 -29.77
N TYR A 288 1.38 -18.35 -30.99
CA TYR A 288 1.66 -17.45 -32.10
C TYR A 288 1.16 -16.04 -31.83
N THR A 289 -0.08 -15.94 -31.35
CA THR A 289 -0.71 -14.66 -31.03
C THR A 289 -0.01 -13.99 -29.85
N MET A 290 0.23 -14.76 -28.80
CA MET A 290 0.81 -14.23 -27.57
C MET A 290 2.20 -13.64 -27.81
N MET A 291 2.98 -14.30 -28.67
CA MET A 291 4.34 -13.87 -29.00
C MET A 291 4.47 -12.42 -29.43
N LYS A 292 3.58 -12.00 -30.34
CA LYS A 292 3.67 -10.68 -30.96
C LYS A 292 2.93 -9.59 -30.18
N ASP A 293 2.07 -9.99 -29.25
CA ASP A 293 1.24 -9.04 -28.52
C ASP A 293 2.07 -8.17 -27.58
N GLN A 294 1.62 -6.92 -27.40
CA GLN A 294 2.33 -5.95 -26.57
C GLN A 294 2.35 -6.31 -25.08
N TYR A 295 1.46 -7.21 -24.66
CA TYR A 295 1.42 -7.64 -23.27
C TYR A 295 1.62 -9.15 -23.12
N ALA A 296 0.95 -9.94 -23.96
CA ALA A 296 0.97 -11.39 -23.78
C ALA A 296 2.38 -11.95 -23.87
N ASN A 297 3.29 -11.21 -24.49
CA ASN A 297 4.66 -11.67 -24.68
C ASN A 297 5.42 -11.77 -23.35
N TYR A 298 4.96 -11.04 -22.35
CA TYR A 298 5.53 -11.13 -21.02
C TYR A 298 5.05 -12.40 -20.32
N VAL A 299 3.82 -12.81 -20.62
CA VAL A 299 3.29 -14.06 -20.10
C VAL A 299 4.03 -15.25 -20.70
N VAL A 300 4.22 -15.23 -22.02
CA VAL A 300 4.96 -16.28 -22.71
C VAL A 300 6.33 -16.51 -22.08
N GLN A 301 7.04 -15.43 -21.82
CA GLN A 301 8.36 -15.52 -21.21
C GLN A 301 8.30 -16.12 -19.81
N LYS A 302 7.18 -15.93 -19.12
CA LYS A 302 7.03 -16.42 -17.75
C LYS A 302 6.73 -17.92 -17.72
N MET A 303 5.85 -18.35 -18.62
CA MET A 303 5.54 -19.77 -18.77
C MET A 303 6.77 -20.57 -19.13
N ILE A 304 7.65 -19.96 -19.91
CA ILE A 304 8.86 -20.62 -20.37
C ILE A 304 9.78 -20.89 -19.18
N ASP A 305 9.85 -19.94 -18.26
CA ASP A 305 10.72 -20.07 -17.09
C ASP A 305 10.13 -20.96 -16.01
N MET A 306 8.82 -21.16 -16.03
CA MET A 306 8.15 -21.92 -14.98
C MET A 306 7.70 -23.31 -15.43
N ALA A 307 7.63 -23.52 -16.75
CA ALA A 307 7.03 -24.75 -17.29
C ALA A 307 7.87 -25.99 -17.01
N GLU A 308 7.18 -27.13 -16.89
CA GLU A 308 7.83 -28.43 -16.72
C GLU A 308 8.73 -28.73 -17.92
N PRO A 309 9.49 -29.84 -17.85
CA PRO A 309 10.37 -30.28 -18.94
C PRO A 309 9.64 -30.57 -20.26
N ALA A 310 8.62 -31.42 -20.20
CA ALA A 310 7.90 -31.81 -21.41
C ALA A 310 7.03 -30.67 -21.90
N GLN A 311 6.80 -29.70 -21.04
CA GLN A 311 5.98 -28.55 -21.37
C GLN A 311 6.81 -27.53 -22.16
N ARG A 312 8.00 -27.23 -21.66
CA ARG A 312 8.89 -26.29 -22.34
C ARG A 312 9.29 -26.84 -23.72
N LYS A 313 9.45 -28.16 -23.80
CA LYS A 313 9.79 -28.81 -25.05
C LYS A 313 8.75 -28.47 -26.12
N ILE A 314 7.48 -28.56 -25.76
CA ILE A 314 6.38 -28.25 -26.67
C ILE A 314 6.28 -26.75 -26.97
N ILE A 315 6.39 -25.91 -25.93
CA ILE A 315 6.32 -24.46 -26.12
C ILE A 315 7.34 -23.97 -27.15
N MET A 316 8.57 -24.47 -27.05
CA MET A 316 9.62 -24.10 -27.99
C MET A 316 9.36 -24.68 -29.37
N HIS A 317 8.70 -25.84 -29.42
CA HIS A 317 8.41 -26.51 -30.69
C HIS A 317 7.28 -25.82 -31.47
N LYS A 318 6.35 -25.21 -30.76
CA LYS A 318 5.29 -24.44 -31.41
C LYS A 318 5.78 -23.05 -31.81
N ILE A 319 6.81 -22.57 -31.12
CA ILE A 319 7.42 -21.28 -31.41
C ILE A 319 8.50 -21.40 -32.48
N ARG A 320 8.97 -22.62 -32.70
CA ARG A 320 10.08 -22.89 -33.63
C ARG A 320 9.84 -22.40 -35.07
N PRO A 321 8.70 -22.75 -35.66
CA PRO A 321 8.43 -22.43 -37.07
C PRO A 321 8.27 -20.93 -37.36
N HIS A 322 8.33 -20.08 -36.34
CA HIS A 322 8.07 -18.65 -36.53
C HIS A 322 9.21 -17.75 -36.06
N ILE A 323 10.42 -18.31 -35.94
CA ILE A 323 11.55 -17.57 -35.36
C ILE A 323 11.96 -16.35 -36.17
N THR A 324 12.44 -16.56 -37.38
CA THR A 324 12.84 -15.46 -38.26
C THR A 324 11.68 -14.50 -38.50
N THR A 325 10.48 -15.06 -38.52
CA THR A 325 9.27 -14.28 -38.78
C THR A 325 8.92 -13.40 -37.58
N LEU A 326 9.57 -13.65 -36.45
CA LEU A 326 9.31 -12.92 -35.21
C LEU A 326 10.39 -11.90 -34.87
N ARG A 327 10.64 -10.97 -35.78
CA ARG A 327 11.68 -9.96 -35.57
C ARG A 327 11.12 -8.57 -35.80
N LYS A 328 10.18 -8.48 -36.74
CA LYS A 328 9.56 -7.21 -37.09
C LYS A 328 8.95 -6.50 -35.88
N TYR A 329 8.26 -7.26 -35.04
CA TYR A 329 7.60 -6.68 -33.87
C TYR A 329 8.62 -6.18 -32.84
N THR A 330 8.37 -4.99 -32.32
CA THR A 330 9.22 -4.42 -31.30
C THR A 330 9.03 -5.14 -29.98
N TYR A 331 7.94 -5.90 -29.88
CA TYR A 331 7.60 -6.62 -28.64
C TYR A 331 8.29 -7.97 -28.55
N GLY A 332 8.35 -8.68 -29.67
CA GLY A 332 8.90 -10.02 -29.71
C GLY A 332 10.42 -10.06 -29.82
N LYS A 333 11.02 -8.92 -30.16
CA LYS A 333 12.47 -8.82 -30.26
C LYS A 333 13.13 -8.94 -28.89
N HIS A 334 12.38 -9.43 -27.91
CA HIS A 334 12.88 -9.62 -26.56
C HIS A 334 12.74 -11.08 -26.16
N ILE A 335 11.93 -11.81 -26.90
CA ILE A 335 11.87 -13.26 -26.76
C ILE A 335 13.04 -13.85 -27.54
N LEU A 336 13.91 -12.97 -28.03
CA LEU A 336 15.08 -13.37 -28.82
C LEU A 336 16.10 -14.20 -28.06
N ALA A 337 16.68 -13.61 -27.02
CA ALA A 337 17.64 -14.30 -26.18
C ALA A 337 16.86 -15.37 -25.41
N LYS A 338 15.54 -15.19 -25.33
CA LYS A 338 14.68 -16.12 -24.62
C LYS A 338 14.79 -17.54 -25.21
N LEU A 339 14.67 -17.64 -26.52
CA LEU A 339 14.78 -18.93 -27.22
C LEU A 339 16.26 -19.18 -27.53
N GLU A 340 17.12 -18.63 -26.68
CA GLU A 340 18.57 -18.81 -26.82
C GLU A 340 19.18 -19.11 -25.45
N LYS A 341 18.32 -19.26 -24.44
CA LYS A 341 18.74 -19.57 -23.08
C LYS A 341 18.22 -20.94 -22.65
N TYR A 342 17.08 -21.34 -23.21
CA TYR A 342 16.46 -22.61 -22.87
C TYR A 342 16.19 -23.44 -24.12
N TYR A 343 16.79 -23.03 -25.23
CA TYR A 343 16.58 -23.69 -26.52
C TYR A 343 17.50 -24.90 -26.69
#